data_7V8W
#
_entry.id   7V8W
#
_cell.length_a   144.243
_cell.length_b   144.243
_cell.length_c   144.243
_cell.angle_alpha   90.00
_cell.angle_beta   90.00
_cell.angle_gamma   90.00
#
_symmetry.space_group_name_H-M   'P 41 3 2'
#
loop_
_entity.id
_entity.type
_entity.pdbx_description
1 polymer esterase
2 non-polymer 'MALONIC ACID'
3 non-polymer 1,2-ETHANEDIOL
4 non-polymer 'ACETATE ION'
5 water water
#
_entity_poly.entity_id   1
_entity_poly.type   'polypeptide(L)'
_entity_poly.pdbx_seq_one_letter_code
;MGNAVVVKKDFRIDLENELFIRGEVTLVEDQIKKPVLVISHGFRGYKDWGFWPYVAAWFAERGFYVVHFDFSRVGALNSG
ADEASVQKLSTVSRELSDLDAILSNLREHRLPLAEQAETERISLLGHARAGGSNIIFAAEHSYIGSVIAWNGGPPPKAAA
GNPNPFINDDVEHNKQRFDTARLLASLTAPVLIIQGGKDREALLEGQQLLKEAAPNQTYISIPDADHSFGGEHPFHHTTP
YLEEALEVTHSFITKHYLEHHHHHH
;
_entity_poly.pdbx_strand_id   A
#
# COMPACT_ATOMS: atom_id res chain seq x y z
N ALA A 4 -14.78 2.41 -21.52
CA ALA A 4 -15.60 2.75 -20.35
C ALA A 4 -15.81 1.54 -19.44
N VAL A 5 -15.47 0.35 -19.95
CA VAL A 5 -15.78 -0.89 -19.24
C VAL A 5 -14.55 -1.26 -18.41
N VAL A 6 -14.72 -1.30 -17.10
CA VAL A 6 -13.63 -1.71 -16.22
C VAL A 6 -13.66 -3.22 -16.12
N VAL A 7 -12.54 -3.88 -16.41
CA VAL A 7 -12.48 -5.32 -16.24
C VAL A 7 -11.59 -5.63 -15.03
N LYS A 8 -11.92 -6.75 -14.39
CA LYS A 8 -11.30 -7.22 -13.16
C LYS A 8 -10.92 -8.67 -13.42
N LYS A 9 -9.65 -9.02 -13.21
CA LYS A 9 -9.16 -10.38 -13.42
C LYS A 9 -8.55 -10.90 -12.14
N ASP A 10 -9.09 -12.01 -11.63
CA ASP A 10 -8.55 -12.61 -10.42
C ASP A 10 -7.24 -13.33 -10.71
N PHE A 11 -6.37 -13.38 -9.71
CA PHE A 11 -5.18 -14.23 -9.80
C PHE A 11 -4.84 -14.75 -8.42
N ARG A 12 -4.05 -15.83 -8.39
CA ARG A 12 -3.53 -16.35 -7.13
C ARG A 12 -2.06 -16.69 -7.32
N ILE A 13 -1.22 -16.18 -6.42
CA ILE A 13 0.20 -16.51 -6.39
C ILE A 13 0.42 -17.51 -5.28
N ASP A 14 0.94 -18.68 -5.60
CA ASP A 14 1.21 -19.70 -4.59
C ASP A 14 2.61 -19.50 -4.03
N LEU A 15 2.70 -19.40 -2.71
CA LEU A 15 3.95 -19.15 -2.01
C LEU A 15 4.43 -20.44 -1.35
N GLU A 16 5.52 -20.35 -0.57
CA GLU A 16 6.07 -21.52 0.08
C GLU A 16 5.06 -22.08 1.07
N ASN A 17 5.25 -23.34 1.41
CA ASN A 17 4.33 -24.07 2.28
C ASN A 17 2.96 -23.95 1.63
N GLU A 18 1.91 -23.59 2.36
CA GLU A 18 0.61 -23.45 1.74
C GLU A 18 0.12 -22.01 1.81
N LEU A 19 1.06 -21.07 1.83
CA LEU A 19 0.72 -19.66 1.78
C LEU A 19 0.40 -19.24 0.34
N PHE A 20 -0.42 -18.20 0.20
CA PHE A 20 -0.82 -17.73 -1.11
C PHE A 20 -1.30 -16.30 -1.00
N ILE A 21 -1.29 -15.62 -2.14
CA ILE A 21 -1.80 -14.26 -2.27
C ILE A 21 -2.90 -14.28 -3.32
N ARG A 22 -4.10 -13.85 -2.94
CA ARG A 22 -5.18 -13.67 -3.91
C ARG A 22 -5.20 -12.20 -4.28
N GLY A 23 -5.32 -11.91 -5.58
CA GLY A 23 -5.35 -10.53 -6.01
C GLY A 23 -6.21 -10.33 -7.24
N GLU A 24 -6.24 -9.09 -7.68
CA GLU A 24 -6.95 -8.70 -8.90
C GLU A 24 -6.12 -7.71 -9.68
N VAL A 25 -6.19 -7.85 -11.01
CA VAL A 25 -5.80 -6.80 -11.96
C VAL A 25 -7.06 -6.07 -12.39
N THR A 26 -7.06 -4.76 -12.30
CA THR A 26 -8.21 -3.94 -12.69
C THR A 26 -7.74 -2.93 -13.73
N LEU A 27 -8.47 -2.85 -14.85
CA LEU A 27 -8.04 -1.98 -15.93
C LEU A 27 -9.19 -1.76 -16.91
N VAL A 28 -9.03 -0.74 -17.76
CA VAL A 28 -9.88 -0.58 -18.95
C VAL A 28 -9.04 -1.01 -20.13
N GLU A 29 -9.47 -2.05 -20.84
CA GLU A 29 -8.62 -2.61 -21.88
C GLU A 29 -8.48 -1.65 -23.06
N ASP A 30 -7.27 -1.59 -23.62
CA ASP A 30 -7.07 -0.90 -24.89
C ASP A 30 -5.75 -1.39 -25.47
N GLN A 31 -5.24 -0.70 -26.48
CA GLN A 31 -4.05 -1.17 -27.17
C GLN A 31 -2.73 -0.78 -26.51
N ILE A 32 -2.74 0.03 -25.47
CA ILE A 32 -1.49 0.65 -25.06
C ILE A 32 -1.09 0.13 -23.68
N LYS A 33 0.19 0.26 -23.38
CA LYS A 33 0.68 -0.12 -22.06
C LYS A 33 0.33 0.98 -21.06
N LYS A 34 -0.19 0.57 -19.91
CA LYS A 34 -0.68 1.50 -18.91
C LYS A 34 0.23 1.54 -17.69
N PRO A 35 0.47 2.71 -17.10
CA PRO A 35 1.27 2.79 -15.87
C PRO A 35 0.61 1.95 -14.78
N VAL A 36 1.45 1.35 -13.92
CA VAL A 36 0.99 0.38 -12.93
C VAL A 36 0.84 1.05 -11.58
N LEU A 37 -0.24 0.75 -10.88
CA LEU A 37 -0.37 1.14 -9.48
C LEU A 37 -0.57 -0.13 -8.67
N VAL A 38 0.34 -0.42 -7.74
CA VAL A 38 0.19 -1.58 -6.86
C VAL A 38 -0.29 -1.06 -5.51
N ILE A 39 -1.40 -1.60 -5.01
CA ILE A 39 -2.08 -1.13 -3.81
C ILE A 39 -1.86 -2.13 -2.67
N SER A 40 -1.51 -1.61 -1.48
CA SER A 40 -1.34 -2.42 -0.27
C SER A 40 -2.32 -1.99 0.81
N HIS A 41 -3.11 -2.93 1.33
CA HIS A 41 -4.07 -2.60 2.37
C HIS A 41 -3.41 -2.53 3.75
N GLY A 42 -4.14 -1.96 4.71
CA GLY A 42 -3.62 -1.77 6.07
C GLY A 42 -3.71 -3.02 6.90
N PHE A 43 -3.33 -2.89 8.18
CA PHE A 43 -3.09 -4.07 9.00
C PHE A 43 -4.36 -4.88 9.20
N ARG A 44 -5.50 -4.21 9.33
CA ARG A 44 -6.77 -4.85 9.58
C ARG A 44 -7.59 -5.01 8.29
N GLY A 45 -7.02 -4.68 7.13
CA GLY A 45 -7.75 -4.68 5.89
C GLY A 45 -7.58 -5.97 5.09
N TYR A 46 -8.12 -5.94 3.88
CA TYR A 46 -8.07 -7.03 2.90
C TYR A 46 -8.54 -6.41 1.60
N LYS A 47 -8.30 -7.11 0.48
CA LYS A 47 -8.49 -6.45 -0.81
C LYS A 47 -9.95 -6.12 -1.10
N ASP A 48 -10.91 -6.81 -0.49
CA ASP A 48 -12.32 -6.49 -0.68
C ASP A 48 -12.89 -5.62 0.43
N TRP A 49 -12.03 -5.04 1.25
CA TRP A 49 -12.49 -4.22 2.38
C TRP A 49 -12.81 -2.80 1.95
N GLY A 50 -13.91 -2.26 2.47
CA GLY A 50 -14.11 -0.82 2.50
C GLY A 50 -13.97 -0.20 1.14
N PHE A 51 -13.10 0.81 1.03
CA PHE A 51 -13.00 1.55 -0.21
C PHE A 51 -12.15 0.88 -1.29
N TRP A 52 -11.49 -0.26 -1.01
CA TRP A 52 -10.50 -0.73 -1.99
C TRP A 52 -11.10 -1.10 -3.34
N PRO A 53 -12.22 -1.84 -3.44
CA PRO A 53 -12.79 -2.10 -4.78
C PRO A 53 -13.07 -0.83 -5.57
N TYR A 54 -13.66 0.17 -4.91
CA TYR A 54 -13.90 1.46 -5.56
C TYR A 54 -12.61 2.13 -5.99
N VAL A 55 -11.60 2.15 -5.13
CA VAL A 55 -10.34 2.83 -5.46
C VAL A 55 -9.65 2.16 -6.64
N ALA A 56 -9.65 0.82 -6.67
CA ALA A 56 -9.01 0.13 -7.79
C ALA A 56 -9.71 0.47 -9.09
N ALA A 57 -11.04 0.47 -9.08
CA ALA A 57 -11.78 0.83 -10.30
C ALA A 57 -11.58 2.30 -10.65
N TRP A 58 -11.47 3.16 -9.64
CA TRP A 58 -11.28 4.59 -9.89
C TRP A 58 -9.97 4.84 -10.65
N PHE A 59 -8.89 4.16 -10.25
CA PHE A 59 -7.64 4.34 -10.97
C PHE A 59 -7.68 3.64 -12.33
N ALA A 60 -8.39 2.50 -12.43
CA ALA A 60 -8.52 1.85 -13.73
C ALA A 60 -9.24 2.76 -14.74
N GLU A 61 -10.32 3.43 -14.31
CA GLU A 61 -11.00 4.36 -15.20
C GLU A 61 -10.13 5.51 -15.64
N ARG A 62 -9.07 5.81 -14.91
CA ARG A 62 -8.17 6.86 -15.35
C ARG A 62 -6.89 6.29 -15.95
N GLY A 63 -6.96 5.09 -16.51
CA GLY A 63 -5.90 4.61 -17.37
C GLY A 63 -4.77 3.86 -16.70
N PHE A 64 -4.93 3.41 -15.46
CA PHE A 64 -3.89 2.64 -14.79
C PHE A 64 -4.18 1.15 -14.89
N TYR A 65 -3.09 0.37 -14.86
CA TYR A 65 -3.13 -1.07 -14.67
C TYR A 65 -2.98 -1.26 -13.16
N VAL A 66 -4.06 -1.62 -12.49
CA VAL A 66 -4.10 -1.62 -11.04
C VAL A 66 -3.97 -3.04 -10.53
N VAL A 67 -3.13 -3.24 -9.52
CA VAL A 67 -3.02 -4.51 -8.83
C VAL A 67 -3.38 -4.27 -7.37
N HIS A 68 -4.34 -5.05 -6.84
CA HIS A 68 -4.53 -5.03 -5.38
C HIS A 68 -4.75 -6.47 -4.91
N PHE A 69 -4.46 -6.74 -3.64
CA PHE A 69 -4.29 -8.14 -3.24
C PHE A 69 -4.44 -8.29 -1.73
N ASP A 70 -4.74 -9.54 -1.32
CA ASP A 70 -4.72 -9.92 0.09
C ASP A 70 -3.29 -10.28 0.49
N PHE A 71 -2.74 -9.62 1.51
CA PHE A 71 -1.49 -10.10 2.08
C PHE A 71 -1.66 -11.55 2.54
N SER A 72 -0.55 -12.33 2.55
CA SER A 72 -0.73 -13.76 2.75
C SER A 72 -1.28 -14.10 4.14
N ARG A 73 -1.10 -13.22 5.14
CA ARG A 73 -1.73 -13.46 6.43
C ARG A 73 -3.25 -13.57 6.31
N VAL A 74 -3.85 -12.83 5.37
CA VAL A 74 -5.30 -12.87 5.17
C VAL A 74 -5.73 -14.25 4.68
N GLY A 75 -5.04 -14.75 3.65
CA GLY A 75 -5.33 -16.10 3.16
C GLY A 75 -5.11 -17.16 4.22
N ALA A 76 -4.08 -16.99 5.05
CA ALA A 76 -3.86 -17.97 6.11
C ALA A 76 -4.99 -17.97 7.12
N LEU A 77 -5.44 -16.77 7.53
CA LEU A 77 -6.57 -16.67 8.44
C LEU A 77 -7.83 -17.30 7.83
N ASN A 78 -8.16 -16.95 6.58
CA ASN A 78 -9.31 -17.53 5.93
C ASN A 78 -9.16 -19.03 5.69
N SER A 79 -7.94 -19.56 5.73
CA SER A 79 -7.71 -20.98 5.57
C SER A 79 -7.78 -21.74 6.89
N GLY A 80 -8.03 -21.05 8.00
CA GLY A 80 -8.09 -21.72 9.28
C GLY A 80 -6.75 -21.89 9.98
N ALA A 81 -5.75 -21.09 9.65
CA ALA A 81 -4.50 -21.10 10.39
C ALA A 81 -4.74 -20.69 11.84
N ASP A 82 -3.96 -21.26 12.74
CA ASP A 82 -4.11 -20.91 14.15
C ASP A 82 -3.54 -19.51 14.43
N GLU A 83 -3.79 -19.05 15.65
CA GLU A 83 -3.42 -17.67 16.00
C GLU A 83 -1.93 -17.44 15.86
N ALA A 84 -1.11 -18.39 16.31
CA ALA A 84 0.34 -18.23 16.22
C ALA A 84 0.78 -18.14 14.75
N SER A 85 0.17 -18.94 13.88
CA SER A 85 0.53 -18.90 12.47
C SER A 85 0.23 -17.53 11.86
N VAL A 86 -0.98 -17.02 12.08
CA VAL A 86 -1.38 -15.72 11.53
C VAL A 86 -0.50 -14.61 12.12
N GLN A 87 -0.23 -14.69 13.42
CA GLN A 87 0.68 -13.76 14.08
C GLN A 87 2.05 -13.73 13.40
N LYS A 88 2.66 -14.90 13.19
CA LYS A 88 3.96 -14.93 12.54
C LYS A 88 3.89 -14.35 11.13
N LEU A 89 2.74 -14.48 10.46
CA LEU A 89 2.60 -13.90 9.12
C LEU A 89 2.23 -12.42 9.13
N SER A 90 2.07 -11.81 10.30
CA SER A 90 1.62 -10.42 10.38
C SER A 90 2.76 -9.40 10.51
N THR A 91 4.01 -9.81 10.35
CA THR A 91 5.12 -8.88 10.52
C THR A 91 5.30 -7.99 9.29
N VAL A 92 5.99 -6.86 9.49
CA VAL A 92 6.37 -6.01 8.37
C VAL A 92 7.28 -6.77 7.40
N SER A 93 8.21 -7.59 7.93
CA SER A 93 9.06 -8.38 7.03
C SER A 93 8.22 -9.24 6.10
N ARG A 94 7.17 -9.85 6.63
CA ARG A 94 6.29 -10.66 5.79
C ARG A 94 5.55 -9.80 4.75
N GLU A 95 5.17 -8.57 5.10
CA GLU A 95 4.58 -7.68 4.10
C GLU A 95 5.55 -7.44 2.96
N LEU A 96 6.81 -7.18 3.29
CA LEU A 96 7.83 -6.93 2.28
C LEU A 96 8.06 -8.15 1.39
N SER A 97 8.06 -9.36 1.99
CA SER A 97 8.17 -10.59 1.21
C SER A 97 6.98 -10.77 0.26
N ASP A 98 5.77 -10.52 0.77
CA ASP A 98 4.56 -10.62 -0.04
C ASP A 98 4.62 -9.65 -1.21
N LEU A 99 5.08 -8.42 -0.94
CA LEU A 99 5.22 -7.43 -1.99
C LEU A 99 6.25 -7.85 -3.01
N ASP A 100 7.36 -8.43 -2.56
CA ASP A 100 8.33 -8.87 -3.53
C ASP A 100 7.74 -9.94 -4.44
N ALA A 101 6.87 -10.80 -3.89
CA ALA A 101 6.18 -11.78 -4.75
C ALA A 101 5.23 -11.09 -5.75
N ILE A 102 4.47 -10.10 -5.29
CA ILE A 102 3.57 -9.39 -6.20
C ILE A 102 4.36 -8.70 -7.31
N LEU A 103 5.38 -7.94 -6.93
CA LEU A 103 6.17 -7.19 -7.91
C LEU A 103 6.91 -8.11 -8.85
N SER A 104 7.39 -9.26 -8.34
CA SER A 104 8.10 -10.20 -9.20
C SER A 104 7.17 -10.81 -10.22
N ASN A 105 5.97 -11.21 -9.80
CA ASN A 105 5.01 -11.74 -10.77
C ASN A 105 4.58 -10.67 -11.77
N LEU A 106 4.40 -9.43 -11.30
CA LEU A 106 4.08 -8.35 -12.23
C LEU A 106 5.20 -8.14 -13.25
N ARG A 107 6.43 -8.01 -12.78
CA ARG A 107 7.54 -7.63 -13.65
C ARG A 107 7.95 -8.75 -14.59
N GLU A 108 7.64 -9.99 -14.22
CA GLU A 108 7.85 -11.13 -15.10
C GLU A 108 6.66 -11.36 -16.03
N HIS A 109 5.70 -10.45 -16.02
CA HIS A 109 4.54 -10.49 -16.92
C HIS A 109 3.71 -11.76 -16.72
N ARG A 110 3.50 -12.13 -15.47
CA ARG A 110 2.78 -13.35 -15.11
C ARG A 110 1.37 -13.05 -14.63
N LEU A 111 1.04 -11.79 -14.35
CA LEU A 111 -0.31 -11.43 -13.93
C LEU A 111 -1.23 -11.31 -15.14
N PRO A 112 -2.55 -11.36 -14.93
CA PRO A 112 -3.47 -11.31 -16.07
C PRO A 112 -3.27 -10.05 -16.93
N LEU A 113 -3.43 -10.22 -18.25
CA LEU A 113 -3.39 -9.10 -19.19
C LEU A 113 -2.07 -8.32 -19.11
N ALA A 114 -0.97 -9.05 -18.91
CA ALA A 114 0.32 -8.41 -18.62
C ALA A 114 0.77 -7.53 -19.79
N GLU A 115 0.34 -7.84 -21.01
CA GLU A 115 0.76 -7.03 -22.15
C GLU A 115 0.23 -5.60 -22.06
N GLN A 116 -0.70 -5.32 -21.15
CA GLN A 116 -1.25 -3.99 -21.01
C GLN A 116 -0.64 -3.20 -19.86
N ALA A 117 0.38 -3.73 -19.20
CA ALA A 117 1.06 -3.05 -18.11
C ALA A 117 2.37 -2.45 -18.60
N GLU A 118 2.65 -1.23 -18.19
CA GLU A 118 3.93 -0.61 -18.47
C GLU A 118 4.74 -0.79 -17.20
N THR A 119 5.55 -1.84 -17.14
CA THR A 119 6.34 -2.04 -15.94
C THR A 119 7.50 -1.07 -15.82
N GLU A 120 7.79 -0.27 -16.85
CA GLU A 120 8.71 0.83 -16.59
C GLU A 120 8.10 1.98 -15.80
N ARG A 121 6.81 1.93 -15.47
CA ARG A 121 6.21 3.03 -14.68
C ARG A 121 5.36 2.47 -13.55
N ILE A 122 6.01 2.03 -12.48
CA ILE A 122 5.31 1.39 -11.37
C ILE A 122 5.29 2.37 -10.21
N SER A 123 4.11 2.58 -9.62
CA SER A 123 3.93 3.33 -8.38
C SER A 123 3.28 2.43 -7.33
N LEU A 124 3.50 2.77 -6.07
CA LEU A 124 2.87 2.10 -4.94
C LEU A 124 1.92 3.03 -4.20
N LEU A 125 0.81 2.48 -3.72
CA LEU A 125 -0.08 3.18 -2.80
C LEU A 125 -0.28 2.28 -1.60
N GLY A 126 0.03 2.77 -0.40
CA GLY A 126 -0.13 1.98 0.81
C GLY A 126 -0.92 2.71 1.87
N HIS A 127 -1.81 1.99 2.53
CA HIS A 127 -2.67 2.54 3.58
C HIS A 127 -2.14 2.16 4.96
N ALA A 128 -2.05 3.13 5.87
CA ALA A 128 -1.86 2.89 7.31
C ALA A 128 -0.52 2.18 7.50
N ARG A 129 -0.45 1.00 8.11
CA ARG A 129 0.87 0.41 8.32
C ARG A 129 1.55 0.13 6.98
N ALA A 130 0.78 -0.16 5.93
CA ALA A 130 1.41 -0.41 4.63
C ALA A 130 1.92 0.88 3.98
N GLY A 131 1.50 2.04 4.48
CA GLY A 131 2.21 3.25 4.12
C GLY A 131 3.69 3.16 4.48
N GLY A 132 3.98 2.65 5.69
CA GLY A 132 5.38 2.49 6.09
C GLY A 132 6.08 1.41 5.26
N SER A 133 5.46 0.25 5.15
CA SER A 133 6.10 -0.84 4.41
C SER A 133 6.33 -0.45 2.96
N ASN A 134 5.37 0.28 2.37
CA ASN A 134 5.55 0.69 0.97
C ASN A 134 6.70 1.67 0.83
N ILE A 135 6.90 2.57 1.80
CA ILE A 135 8.07 3.45 1.70
C ILE A 135 9.34 2.62 1.76
N ILE A 136 9.37 1.63 2.65
CA ILE A 136 10.56 0.78 2.73
C ILE A 136 10.77 0.10 1.41
N PHE A 137 9.70 -0.50 0.87
CA PHE A 137 9.88 -1.24 -0.38
C PHE A 137 10.34 -0.30 -1.47
N ALA A 138 9.73 0.90 -1.53
CA ALA A 138 10.08 1.83 -2.58
C ALA A 138 11.53 2.26 -2.46
N ALA A 139 11.98 2.48 -1.23
CA ALA A 139 13.35 2.96 -1.08
C ALA A 139 14.35 1.91 -1.48
N GLU A 140 13.97 0.63 -1.35
CA GLU A 140 14.88 -0.48 -1.56
C GLU A 140 14.86 -1.02 -2.98
N HIS A 141 14.00 -0.48 -3.86
CA HIS A 141 13.85 -1.02 -5.21
C HIS A 141 13.79 0.12 -6.24
N SER A 142 14.79 0.12 -7.12
CA SER A 142 15.00 1.21 -8.08
C SER A 142 13.84 1.34 -9.04
N TYR A 143 13.14 0.25 -9.29
CA TYR A 143 12.07 0.27 -10.29
C TYR A 143 10.76 0.81 -9.76
N ILE A 144 10.67 1.19 -8.48
CA ILE A 144 9.48 1.86 -7.94
C ILE A 144 9.66 3.36 -8.18
N GLY A 145 8.81 3.95 -9.02
CA GLY A 145 9.05 5.34 -9.42
C GLY A 145 8.46 6.38 -8.49
N SER A 146 7.37 6.04 -7.78
CA SER A 146 6.88 6.93 -6.73
C SER A 146 6.07 6.08 -5.77
N VAL A 147 5.80 6.65 -4.60
CA VAL A 147 5.03 5.95 -3.59
C VAL A 147 4.18 6.97 -2.86
N ILE A 148 2.94 6.58 -2.55
CA ILE A 148 2.00 7.41 -1.81
C ILE A 148 1.57 6.61 -0.57
N ALA A 149 1.56 7.27 0.58
CA ALA A 149 1.08 6.69 1.83
C ALA A 149 -0.19 7.42 2.24
N TRP A 150 -1.23 6.68 2.60
CA TRP A 150 -2.47 7.24 3.14
C TRP A 150 -2.54 6.92 4.63
N ASN A 151 -2.46 7.94 5.47
CA ASN A 151 -2.65 7.78 6.91
C ASN A 151 -1.65 6.78 7.49
N GLY A 152 -0.44 6.81 6.94
CA GLY A 152 0.67 6.05 7.47
C GLY A 152 1.94 6.58 6.88
N GLY A 153 3.03 5.87 7.14
CA GLY A 153 4.33 6.32 6.70
C GLY A 153 5.41 6.33 7.77
N PRO A 154 5.11 6.76 9.00
CA PRO A 154 6.13 6.72 10.07
C PRO A 154 6.62 5.30 10.31
N PRO A 155 7.79 5.14 10.94
CA PRO A 155 8.40 3.80 11.05
C PRO A 155 7.46 2.81 11.73
N PRO A 156 7.37 1.58 11.21
CA PRO A 156 6.60 0.55 11.93
C PRO A 156 7.07 0.34 13.36
N LYS A 157 6.11 0.20 14.26
CA LYS A 157 6.35 0.13 15.69
C LYS A 157 5.87 -1.18 16.26
N ALA A 158 6.51 -1.60 17.35
CA ALA A 158 6.11 -2.77 18.12
C ALA A 158 5.29 -2.39 19.33
N ALA A 159 4.58 -1.24 19.27
CA ALA A 159 4.13 -0.57 20.49
C ALA A 159 5.33 -0.58 21.43
N ALA A 160 5.18 -1.03 22.68
CA ALA A 160 6.35 -1.38 23.49
C ALA A 160 6.57 -2.89 23.47
N GLY A 161 5.63 -3.65 24.01
CA GLY A 161 5.56 -5.08 23.80
C GLY A 161 4.20 -5.41 23.22
N ASN A 162 4.17 -5.72 21.93
CA ASN A 162 2.93 -5.96 21.23
C ASN A 162 2.33 -7.27 21.77
N PRO A 163 1.01 -7.47 21.61
CA PRO A 163 0.46 -8.82 21.84
C PRO A 163 1.11 -9.87 20.94
N ASN A 164 1.68 -9.44 19.81
CA ASN A 164 2.31 -10.31 18.84
C ASN A 164 3.80 -10.35 19.12
N PRO A 165 4.36 -11.47 19.61
CA PRO A 165 5.82 -11.50 19.86
C PRO A 165 6.64 -11.53 18.57
N PHE A 166 6.07 -12.00 17.46
CA PHE A 166 6.80 -12.00 16.20
C PHE A 166 7.00 -10.58 15.68
N ILE A 167 5.99 -9.72 15.88
CA ILE A 167 6.15 -8.31 15.54
C ILE A 167 7.22 -7.66 16.41
N ASN A 168 7.26 -8.01 17.71
CA ASN A 168 8.29 -7.44 18.58
C ASN A 168 9.68 -7.82 18.11
N ASP A 169 9.91 -9.12 17.84
CA ASP A 169 11.21 -9.53 17.33
C ASP A 169 11.53 -8.85 16.00
N ASP A 170 10.53 -8.71 15.12
CA ASP A 170 10.77 -8.12 13.81
C ASP A 170 11.25 -6.67 13.94
N VAL A 171 10.53 -5.89 14.73
CA VAL A 171 10.90 -4.49 14.98
C VAL A 171 12.27 -4.42 15.63
N GLU A 172 12.55 -5.32 16.56
CA GLU A 172 13.82 -5.31 17.27
C GLU A 172 14.99 -5.57 16.33
N HIS A 173 14.82 -6.46 15.36
CA HIS A 173 15.92 -6.80 14.46
C HIS A 173 15.96 -5.95 13.19
N ASN A 174 15.03 -5.02 13.02
CA ASN A 174 15.04 -4.18 11.82
C ASN A 174 14.95 -2.69 12.16
N LYS A 175 15.59 -2.26 13.24
CA LYS A 175 15.50 -0.86 13.65
C LYS A 175 16.00 0.09 12.55
N GLN A 176 17.15 -0.21 11.95
CA GLN A 176 17.61 0.65 10.86
C GLN A 176 16.86 0.41 9.57
N ARG A 177 16.62 -0.86 9.23
CA ARG A 177 15.98 -1.14 7.95
C ARG A 177 14.59 -0.51 7.83
N PHE A 178 13.86 -0.42 8.94
CA PHE A 178 12.49 0.10 8.89
C PHE A 178 12.40 1.59 9.21
N ASP A 179 13.53 2.28 9.30
CA ASP A 179 13.53 3.68 9.69
C ASP A 179 13.11 4.53 8.49
N THR A 180 11.80 4.74 8.33
CA THR A 180 11.30 5.50 7.19
C THR A 180 11.69 6.96 7.22
N ALA A 181 12.03 7.53 8.38
CA ALA A 181 12.52 8.90 8.37
C ALA A 181 13.84 9.02 7.60
N ARG A 182 14.81 8.17 7.92
CA ARG A 182 16.06 8.16 7.15
C ARG A 182 15.78 7.85 5.68
N LEU A 183 14.93 6.85 5.41
CA LEU A 183 14.69 6.42 4.05
C LEU A 183 14.06 7.54 3.23
N LEU A 184 13.05 8.22 3.79
CA LEU A 184 12.41 9.33 3.08
C LEU A 184 13.38 10.45 2.82
N ALA A 185 14.27 10.72 3.78
CA ALA A 185 15.22 11.81 3.59
C ALA A 185 16.22 11.51 2.47
N SER A 186 16.56 10.25 2.22
CA SER A 186 17.53 10.01 1.16
C SER A 186 16.92 9.50 -0.15
N LEU A 187 15.63 9.21 -0.18
CA LEU A 187 15.00 8.69 -1.39
C LEU A 187 14.83 9.83 -2.40
N THR A 188 15.36 9.65 -3.61
CA THR A 188 15.28 10.71 -4.61
C THR A 188 14.00 10.64 -5.45
N ALA A 189 13.22 9.61 -5.31
CA ALA A 189 11.96 9.49 -6.02
C ALA A 189 10.86 10.23 -5.25
N PRO A 190 9.82 10.68 -5.96
CA PRO A 190 8.76 11.46 -5.27
C PRO A 190 7.92 10.58 -4.35
N VAL A 191 7.74 11.04 -3.11
CA VAL A 191 6.88 10.42 -2.12
C VAL A 191 5.82 11.43 -1.69
N LEU A 192 4.57 10.98 -1.60
CA LEU A 192 3.48 11.78 -1.07
C LEU A 192 2.90 11.09 0.15
N ILE A 193 2.75 11.84 1.23
CA ILE A 193 2.02 11.35 2.40
C ILE A 193 0.79 12.23 2.59
N ILE A 194 -0.38 11.59 2.65
CA ILE A 194 -1.65 12.24 2.97
C ILE A 194 -2.10 11.75 4.34
N GLN A 195 -2.40 12.67 5.24
CA GLN A 195 -2.84 12.32 6.59
C GLN A 195 -4.12 13.07 6.91
N GLY A 196 -5.17 12.33 7.29
CA GLY A 196 -6.38 12.97 7.80
C GLY A 196 -6.17 13.42 9.25
N GLY A 197 -6.73 14.58 9.59
CA GLY A 197 -6.50 15.19 10.89
C GLY A 197 -7.27 14.57 12.04
N LYS A 198 -8.30 13.78 11.75
CA LYS A 198 -9.04 13.04 12.78
C LYS A 198 -8.53 11.61 12.87
N ASP A 199 -7.23 11.46 13.12
CA ASP A 199 -6.61 10.17 13.33
C ASP A 199 -5.92 10.18 14.67
N ARG A 200 -5.30 9.07 15.04
CA ARG A 200 -4.70 8.95 16.37
C ARG A 200 -3.62 10.00 16.58
N GLU A 201 -3.60 10.57 17.79
CA GLU A 201 -2.62 11.60 18.14
C GLU A 201 -1.19 11.11 17.95
N ALA A 202 -0.89 9.87 18.37
CA ALA A 202 0.46 9.33 18.19
C ALA A 202 0.85 9.30 16.73
N LEU A 203 -0.10 8.97 15.85
CA LEU A 203 0.20 8.96 14.42
C LEU A 203 0.45 10.37 13.89
N LEU A 204 -0.33 11.36 14.35
CA LEU A 204 -0.09 12.73 13.93
C LEU A 204 1.30 13.21 14.37
N GLU A 205 1.72 12.87 15.59
CA GLU A 205 3.06 13.22 16.04
C GLU A 205 4.13 12.53 15.20
N GLY A 206 3.91 11.25 14.88
CA GLY A 206 4.85 10.54 14.02
C GLY A 206 4.95 11.18 12.64
N GLN A 207 3.83 11.64 12.09
CA GLN A 207 3.84 12.29 10.78
C GLN A 207 4.59 13.60 10.83
N GLN A 208 4.42 14.37 11.92
CA GLN A 208 5.18 15.61 12.07
C GLN A 208 6.67 15.33 12.11
N LEU A 209 7.08 14.32 12.88
CA LEU A 209 8.50 13.96 12.91
C LEU A 209 9.01 13.58 11.53
N LEU A 210 8.22 12.80 10.79
CA LEU A 210 8.63 12.36 9.47
C LEU A 210 8.83 13.55 8.54
N LYS A 211 7.87 14.48 8.57
CA LYS A 211 7.95 15.67 7.74
C LYS A 211 9.19 16.48 8.10
N GLU A 212 9.52 16.54 9.38
CA GLU A 212 10.67 17.32 9.78
C GLU A 212 11.96 16.65 9.33
N ALA A 213 11.96 15.31 9.28
CA ALA A 213 13.16 14.58 8.87
C ALA A 213 13.38 14.64 7.37
N ALA A 214 12.31 14.73 6.57
CA ALA A 214 12.43 14.70 5.11
C ALA A 214 11.62 15.83 4.50
N PRO A 215 12.05 17.09 4.69
CA PRO A 215 11.28 18.22 4.14
C PRO A 215 11.25 18.26 2.62
N ASN A 216 12.03 17.41 1.93
CA ASN A 216 12.07 17.36 0.48
C ASN A 216 10.83 16.72 -0.13
N GLN A 217 10.12 15.88 0.62
CA GLN A 217 9.01 15.13 0.04
C GLN A 217 7.74 15.99 0.10
N THR A 218 6.59 15.39 -0.18
CA THR A 218 5.33 16.12 -0.33
C THR A 218 4.35 15.65 0.72
N TYR A 219 3.74 16.59 1.45
CA TYR A 219 2.87 16.26 2.58
C TYR A 219 1.56 17.01 2.44
N ILE A 220 0.45 16.29 2.55
CA ILE A 220 -0.88 16.89 2.40
C ILE A 220 -1.72 16.54 3.63
N SER A 221 -2.26 17.56 4.29
CA SER A 221 -3.20 17.41 5.40
C SER A 221 -4.63 17.49 4.92
N ILE A 222 -5.47 16.54 5.34
CA ILE A 222 -6.91 16.68 5.16
C ILE A 222 -7.54 16.79 6.54
N PRO A 223 -7.71 18.01 7.06
CA PRO A 223 -7.91 18.16 8.52
C PRO A 223 -9.09 17.41 9.11
N ASP A 224 -10.22 17.29 8.40
CA ASP A 224 -11.42 16.71 9.00
C ASP A 224 -11.59 15.23 8.66
N ALA A 225 -10.62 14.62 7.98
CA ALA A 225 -10.72 13.23 7.54
C ALA A 225 -10.24 12.27 8.61
N ASP A 226 -10.93 11.12 8.72
CA ASP A 226 -10.55 10.09 9.67
C ASP A 226 -9.59 9.07 9.02
N HIS A 227 -9.27 8.01 9.78
CA HIS A 227 -8.24 7.05 9.35
C HIS A 227 -8.59 6.34 8.05
N SER A 228 -9.87 6.31 7.68
CA SER A 228 -10.30 5.67 6.44
C SER A 228 -10.82 6.68 5.43
N PHE A 229 -10.67 7.98 5.70
CA PHE A 229 -11.30 9.02 4.89
C PHE A 229 -12.80 8.80 4.82
N GLY A 230 -13.38 8.17 5.85
CA GLY A 230 -14.81 7.90 5.90
C GLY A 230 -15.23 6.66 5.11
N GLY A 231 -14.29 5.98 4.47
CA GLY A 231 -14.60 4.88 3.56
C GLY A 231 -14.65 3.51 4.21
N GLU A 232 -15.19 3.41 5.41
CA GLU A 232 -15.26 2.14 6.10
C GLU A 232 -16.33 1.24 5.49
N HIS A 233 -16.36 -0.01 5.95
CA HIS A 233 -17.06 -1.12 5.30
C HIS A 233 -18.55 -1.19 5.70
N PRO A 234 -19.46 -1.49 4.76
CA PRO A 234 -19.25 -1.66 3.33
C PRO A 234 -19.27 -0.30 2.66
N PHE A 235 -18.87 -0.25 1.41
CA PHE A 235 -18.73 1.00 0.66
C PHE A 235 -20.00 1.20 -0.15
N HIS A 236 -20.98 1.94 0.42
CA HIS A 236 -22.17 2.25 -0.35
C HIS A 236 -21.99 3.45 -1.27
N HIS A 237 -21.04 4.35 -0.98
CA HIS A 237 -20.86 5.59 -1.72
C HIS A 237 -19.53 6.18 -1.27
N THR A 238 -18.98 7.06 -2.10
CA THR A 238 -17.73 7.70 -1.73
C THR A 238 -18.01 8.87 -0.79
N THR A 239 -16.94 9.54 -0.36
CA THR A 239 -16.99 10.68 0.54
C THR A 239 -16.13 11.80 -0.02
N PRO A 240 -16.40 13.05 0.39
CA PRO A 240 -15.53 14.16 -0.06
C PRO A 240 -14.08 13.95 0.30
N TYR A 241 -13.80 13.32 1.45
CA TYR A 241 -12.41 13.14 1.88
C TYR A 241 -11.70 12.12 1.02
N LEU A 242 -12.38 11.00 0.74
CA LEU A 242 -11.78 10.03 -0.15
C LEU A 242 -11.59 10.60 -1.56
N GLU A 243 -12.59 11.35 -2.06
CA GLU A 243 -12.43 11.93 -3.39
C GLU A 243 -11.26 12.90 -3.44
N GLU A 244 -11.07 13.70 -2.39
CA GLU A 244 -9.89 14.55 -2.31
C GLU A 244 -8.60 13.74 -2.33
N ALA A 245 -8.50 12.71 -1.48
CA ALA A 245 -7.29 11.90 -1.44
C ALA A 245 -7.01 11.28 -2.81
N LEU A 246 -8.05 10.79 -3.47
CA LEU A 246 -7.85 10.19 -4.79
C LEU A 246 -7.37 11.22 -5.80
N GLU A 247 -8.01 12.40 -5.84
CA GLU A 247 -7.60 13.38 -6.85
C GLU A 247 -6.18 13.85 -6.61
N VAL A 248 -5.81 14.08 -5.35
CA VAL A 248 -4.46 14.51 -5.01
C VAL A 248 -3.44 13.43 -5.37
N THR A 249 -3.75 12.17 -5.05
CA THR A 249 -2.85 11.06 -5.39
C THR A 249 -2.69 10.92 -6.89
N HIS A 250 -3.80 10.99 -7.63
CA HIS A 250 -3.75 10.91 -9.09
C HIS A 250 -2.90 12.04 -9.68
N SER A 251 -3.10 13.27 -9.19
CA SER A 251 -2.31 14.40 -9.66
C SER A 251 -0.83 14.18 -9.36
N PHE A 252 -0.53 13.68 -8.17
CA PHE A 252 0.86 13.45 -7.77
C PHE A 252 1.53 12.41 -8.66
N ILE A 253 0.83 11.30 -8.91
CA ILE A 253 1.45 10.26 -9.74
C ILE A 253 1.69 10.78 -11.15
N THR A 254 0.69 11.44 -11.74
CA THR A 254 0.80 11.78 -13.15
C THR A 254 1.72 12.98 -13.39
N LYS A 255 1.73 13.93 -12.46
CA LYS A 255 2.50 15.15 -12.61
C LYS A 255 3.95 14.93 -12.18
N HIS A 256 4.16 13.96 -11.28
CA HIS A 256 5.38 13.66 -10.52
C HIS A 256 5.70 14.71 -9.48
N TYR A 257 4.78 15.65 -9.24
CA TYR A 257 4.93 16.69 -8.24
C TYR A 257 3.59 17.42 -8.11
N LEU A 258 3.44 18.21 -7.05
CA LEU A 258 2.31 19.14 -6.95
C LEU A 258 2.81 20.58 -7.10
#